data_3PIM
#
_entry.id   3PIM
#
_cell.length_a   111.894
_cell.length_b   111.894
_cell.length_c   108.124
_cell.angle_alpha   90.00
_cell.angle_beta   90.00
_cell.angle_gamma   120.00
#
_symmetry.space_group_name_H-M   'P 31 2 1'
#
loop_
_entity.id
_entity.type
_entity.pdbx_description
1 polymer 'Peptide methionine sulfoxide reductase'
2 water water
#
_entity_poly.entity_id   1
_entity_poly.type   'polypeptide(L)'
_entity_poly.pdbx_seq_one_letter_code
;HHHGSSLISKTIKYDPAKDKLITLACGCFWGTEHMYRKYLNDRIVDCKVGYANGEESKKDSPSSVSYKRVCGGDTDFAEV
LQVSYNPKVITLRELTDFFFRIHDPTTSNSQGPDKGTQYRSGLFAHSDADLKELAKIKEEWQPKWGNKIATVIEPIKNFY
DAEEYHQLYLDKNPQGYACPTHYLREM
;
_entity_poly.pdbx_strand_id   A,B,C
#
# COMPACT_ATOMS: atom_id res chain seq x y z
N HIS A 1 8.21 23.97 -25.96
CA HIS A 1 8.07 25.08 -26.96
C HIS A 1 7.51 26.37 -26.36
N HIS A 2 7.51 26.43 -25.03
CA HIS A 2 7.14 27.64 -24.27
C HIS A 2 5.67 28.07 -24.47
N HIS A 3 4.79 27.07 -24.46
CA HIS A 3 3.35 27.27 -24.56
C HIS A 3 2.63 26.78 -23.31
N GLY A 4 3.38 26.53 -22.24
CA GLY A 4 2.78 26.16 -20.95
C GLY A 4 2.43 24.68 -20.80
N SER A 5 3.00 23.84 -21.66
CA SER A 5 2.80 22.38 -21.57
C SER A 5 3.16 21.85 -20.20
N SER A 6 4.16 22.48 -19.56
CA SER A 6 4.67 22.02 -18.26
C SER A 6 3.68 22.20 -17.13
N LEU A 7 2.72 23.10 -17.34
CA LEU A 7 1.75 23.47 -16.31
C LEU A 7 0.62 22.46 -16.19
N ILE A 8 0.59 21.49 -17.12
CA ILE A 8 -0.43 20.45 -17.16
C ILE A 8 0.17 19.11 -16.74
N SER A 9 -0.56 18.37 -15.92
CA SER A 9 -0.20 17.00 -15.57
C SER A 9 0.02 16.17 -16.84
N LYS A 10 1.13 15.43 -16.90
CA LYS A 10 1.42 14.62 -18.08
C LYS A 10 0.35 13.55 -18.34
N THR A 11 -0.34 13.11 -17.29
CA THR A 11 -1.27 11.98 -17.40
C THR A 11 -2.76 12.34 -17.40
N ILE A 12 -3.09 13.60 -17.09
CA ILE A 12 -4.49 13.99 -16.89
C ILE A 12 -5.27 13.95 -18.22
N LYS A 13 -6.53 13.58 -18.16
CA LYS A 13 -7.39 13.67 -19.33
C LYS A 13 -7.82 15.12 -19.47
N TYR A 14 -7.50 15.74 -20.61
CA TYR A 14 -7.75 17.17 -20.78
C TYR A 14 -7.77 17.53 -22.27
N ASP A 15 -8.86 18.15 -22.71
CA ASP A 15 -9.05 18.63 -24.09
C ASP A 15 -9.31 20.14 -24.05
N PRO A 16 -8.33 20.95 -24.49
CA PRO A 16 -8.43 22.42 -24.44
C PRO A 16 -9.63 23.03 -25.17
N ALA A 17 -10.27 22.26 -26.06
CA ALA A 17 -11.42 22.78 -26.85
C ALA A 17 -12.69 22.83 -26.01
N LYS A 18 -12.74 22.00 -24.95
CA LYS A 18 -13.94 21.94 -24.13
C LYS A 18 -13.72 21.98 -22.62
N ASP A 19 -12.49 21.69 -22.18
CA ASP A 19 -12.13 21.61 -20.75
C ASP A 19 -11.28 22.79 -20.28
N LYS A 20 -11.21 22.95 -18.96
CA LYS A 20 -10.32 23.92 -18.32
C LYS A 20 -9.63 23.25 -17.13
N LEU A 21 -8.59 23.90 -16.61
CA LEU A 21 -7.80 23.40 -15.50
C LEU A 21 -7.87 24.37 -14.33
N ILE A 22 -7.90 23.81 -13.13
CA ILE A 22 -7.66 24.54 -11.91
C ILE A 22 -6.78 23.66 -11.02
N THR A 23 -5.81 24.28 -10.39
CA THR A 23 -4.88 23.55 -9.54
C THR A 23 -5.05 24.05 -8.12
N LEU A 24 -5.35 23.12 -7.21
CA LEU A 24 -5.84 23.40 -5.85
C LEU A 24 -4.91 22.91 -4.76
N ALA A 25 -4.61 23.79 -3.79
CA ALA A 25 -3.86 23.40 -2.61
C ALA A 25 -4.71 23.58 -1.35
N CYS A 26 -4.91 22.50 -0.60
CA CYS A 26 -5.62 22.63 0.67
C CYS A 26 -5.28 21.51 1.66
N GLY A 27 -4.03 21.06 1.65
CA GLY A 27 -3.57 20.00 2.56
C GLY A 27 -2.83 18.91 1.81
N CYS A 28 -2.65 17.76 2.46
CA CYS A 28 -1.99 16.65 1.75
C CYS A 28 -2.79 16.30 0.50
N PHE A 29 -2.12 16.10 -0.64
CA PHE A 29 -2.86 15.96 -1.89
C PHE A 29 -3.71 14.70 -2.01
N TRP A 30 -3.36 13.64 -1.25
CA TRP A 30 -4.18 12.45 -1.29
C TRP A 30 -5.54 12.74 -0.64
N GLY A 31 -5.55 13.67 0.31
CA GLY A 31 -6.75 14.17 0.96
C GLY A 31 -7.59 14.96 -0.03
N THR A 32 -6.93 15.87 -0.74
CA THR A 32 -7.61 16.67 -1.74
C THR A 32 -8.20 15.79 -2.82
N GLU A 33 -7.39 14.82 -3.31
CA GLU A 33 -7.88 13.85 -4.30
C GLU A 33 -9.08 13.05 -3.78
N HIS A 34 -8.99 12.57 -2.54
CA HIS A 34 -10.09 11.79 -1.99
C HIS A 34 -11.40 12.61 -1.97
N MET A 35 -11.33 13.88 -1.54
CA MET A 35 -12.52 14.75 -1.47
C MET A 35 -13.18 14.95 -2.84
N TYR A 36 -12.39 15.32 -3.85
CA TYR A 36 -12.95 15.57 -5.19
C TYR A 36 -13.50 14.28 -5.82
N ARG A 37 -12.81 13.17 -5.62
CA ARG A 37 -13.31 11.91 -6.18
C ARG A 37 -14.55 11.41 -5.44
N LYS A 38 -14.57 11.51 -4.12
CA LYS A 38 -15.72 11.05 -3.31
C LYS A 38 -17.00 11.83 -3.67
N TYR A 39 -16.87 13.14 -3.80
CA TYR A 39 -18.06 13.98 -3.95
C TYR A 39 -18.35 14.47 -5.35
N LEU A 40 -17.33 14.56 -6.21
CA LEU A 40 -17.51 15.25 -7.49
C LEU A 40 -17.02 14.46 -8.70
N ASN A 41 -16.73 13.18 -8.52
CA ASN A 41 -16.14 12.39 -9.58
C ASN A 41 -16.97 12.35 -10.87
N ASP A 42 -18.29 12.30 -10.71
CA ASP A 42 -19.18 12.28 -11.88
C ASP A 42 -19.35 13.64 -12.56
N ARG A 43 -18.74 14.68 -11.99
CA ARG A 43 -18.88 16.03 -12.55
C ARG A 43 -17.57 16.63 -13.03
N ILE A 44 -16.46 15.91 -12.83
CA ILE A 44 -15.17 16.37 -13.36
C ILE A 44 -14.66 15.40 -14.40
N VAL A 45 -13.77 15.89 -15.24
CA VAL A 45 -13.20 15.06 -16.28
C VAL A 45 -12.15 14.11 -15.70
N ASP A 46 -11.26 14.65 -14.88
CA ASP A 46 -10.12 13.89 -14.32
C ASP A 46 -9.44 14.76 -13.27
N CYS A 47 -8.65 14.13 -12.40
CA CYS A 47 -7.81 14.87 -11.48
C CYS A 47 -6.53 14.09 -11.22
N LYS A 48 -5.44 14.82 -10.99
CA LYS A 48 -4.13 14.21 -10.71
C LYS A 48 -3.42 15.02 -9.64
N VAL A 49 -2.75 14.30 -8.72
CA VAL A 49 -1.96 14.90 -7.67
C VAL A 49 -0.56 15.30 -8.15
N GLY A 50 -0.01 16.32 -7.50
CA GLY A 50 1.35 16.75 -7.79
C GLY A 50 1.78 17.90 -6.93
N TYR A 51 2.82 18.60 -7.38
CA TYR A 51 3.39 19.70 -6.62
C TYR A 51 3.36 20.90 -7.56
N ALA A 52 2.94 22.06 -7.07
CA ALA A 52 2.89 23.27 -7.89
C ALA A 52 3.36 24.46 -7.12
N ASN A 53 3.84 25.46 -7.84
CA ASN A 53 4.02 26.79 -7.25
C ASN A 53 3.52 27.86 -8.23
N GLY A 54 3.51 29.10 -7.76
CA GLY A 54 2.92 30.19 -8.52
C GLY A 54 3.80 31.42 -8.59
N GLU A 55 3.39 32.36 -9.43
CA GLU A 55 4.05 33.67 -9.54
C GLU A 55 3.62 34.46 -8.31
N GLU A 56 4.54 34.65 -7.37
CA GLU A 56 4.19 35.15 -6.05
C GLU A 56 3.96 36.67 -6.08
N SER A 66 8.75 30.20 4.49
CA SER A 66 9.44 29.03 5.01
C SER A 66 10.82 28.83 4.36
N TYR A 67 11.73 28.27 5.14
CA TYR A 67 13.07 27.96 4.66
C TYR A 67 13.20 26.46 4.34
N LYS A 68 12.18 25.68 4.72
CA LYS A 68 12.25 24.24 4.54
C LYS A 68 11.97 23.87 3.10
N ARG A 69 12.83 23.03 2.54
CA ARG A 69 12.56 22.55 1.19
C ARG A 69 11.41 21.55 1.18
N VAL A 70 10.72 21.44 0.05
CA VAL A 70 9.53 20.61 -0.04
C VAL A 70 9.91 19.35 -0.82
N CYS A 71 10.15 18.26 -0.09
CA CYS A 71 10.61 17.00 -0.71
C CYS A 71 11.76 17.25 -1.68
N GLY A 72 12.74 18.02 -1.20
CA GLY A 72 13.97 18.28 -1.96
C GLY A 72 13.88 19.46 -2.91
N GLY A 73 12.66 19.97 -3.13
CA GLY A 73 12.45 21.06 -4.10
C GLY A 73 12.27 22.42 -3.45
N ASP A 74 11.97 23.44 -4.26
CA ASP A 74 11.84 24.84 -3.80
C ASP A 74 10.89 24.93 -2.60
N THR A 75 11.20 25.85 -1.69
CA THR A 75 10.42 26.05 -0.47
C THR A 75 8.95 26.46 -0.71
N ASP A 76 8.63 26.93 -1.91
CA ASP A 76 7.26 27.38 -2.18
C ASP A 76 6.37 26.37 -2.88
N PHE A 77 6.89 25.17 -3.15
CA PHE A 77 5.99 24.14 -3.72
C PHE A 77 4.92 23.75 -2.74
N ALA A 78 3.71 23.59 -3.27
CA ALA A 78 2.57 23.10 -2.51
C ALA A 78 2.09 21.75 -3.05
N GLU A 79 1.60 20.89 -2.15
CA GLU A 79 0.91 19.69 -2.59
C GLU A 79 -0.44 20.13 -3.16
N VAL A 80 -0.75 19.68 -4.37
CA VAL A 80 -1.94 20.13 -5.09
C VAL A 80 -2.67 18.99 -5.77
N LEU A 81 -3.95 19.21 -6.04
CA LEU A 81 -4.68 18.39 -6.99
C LEU A 81 -4.92 19.28 -8.20
N GLN A 82 -4.58 18.79 -9.39
CA GLN A 82 -5.00 19.48 -10.61
C GLN A 82 -6.30 18.84 -11.09
N VAL A 83 -7.32 19.65 -11.34
CA VAL A 83 -8.62 19.14 -11.78
C VAL A 83 -8.86 19.64 -13.21
N SER A 84 -9.24 18.71 -14.09
CA SER A 84 -9.71 19.01 -15.45
C SER A 84 -11.24 18.88 -15.43
N TYR A 85 -11.92 19.87 -16.00
CA TYR A 85 -13.37 19.90 -15.92
C TYR A 85 -13.96 20.56 -17.16
N ASN A 86 -15.20 20.19 -17.45
CA ASN A 86 -15.98 20.82 -18.50
C ASN A 86 -16.90 21.86 -17.88
N PRO A 87 -16.67 23.14 -18.19
CA PRO A 87 -17.44 24.23 -17.57
C PRO A 87 -18.95 24.17 -17.86
N LYS A 88 -19.37 23.35 -18.82
CA LYS A 88 -20.80 23.15 -19.10
C LYS A 88 -21.41 22.12 -18.15
N VAL A 89 -20.53 21.37 -17.47
CA VAL A 89 -20.94 20.33 -16.52
C VAL A 89 -20.77 20.82 -15.08
N ILE A 90 -19.70 21.57 -14.82
CA ILE A 90 -19.47 22.19 -13.50
C ILE A 90 -18.70 23.50 -13.69
N THR A 91 -19.02 24.52 -12.90
CA THR A 91 -18.39 25.81 -13.07
C THR A 91 -17.16 25.92 -12.16
N LEU A 92 -16.27 26.85 -12.48
CA LEU A 92 -15.13 27.15 -11.59
C LEU A 92 -15.62 27.56 -10.20
N ARG A 93 -16.69 28.36 -10.16
CA ARG A 93 -17.27 28.75 -8.87
C ARG A 93 -17.70 27.55 -8.01
N GLU A 94 -18.32 26.55 -8.62
CA GLU A 94 -18.79 25.37 -7.88
C GLU A 94 -17.61 24.54 -7.34
N LEU A 95 -16.56 24.42 -8.15
CA LEU A 95 -15.36 23.74 -7.70
C LEU A 95 -14.70 24.49 -6.55
N THR A 96 -14.73 25.82 -6.62
CA THR A 96 -14.11 26.65 -5.60
C THR A 96 -14.99 26.72 -4.35
N ASP A 97 -16.31 26.72 -4.53
CA ASP A 97 -17.22 26.65 -3.38
C ASP A 97 -16.96 25.36 -2.58
N PHE A 98 -16.72 24.26 -3.28
CA PHE A 98 -16.40 22.97 -2.64
C PHE A 98 -15.06 23.04 -1.89
N PHE A 99 -14.06 23.61 -2.56
CA PHE A 99 -12.73 23.90 -1.99
C PHE A 99 -12.84 24.60 -0.63
N PHE A 100 -13.70 25.62 -0.55
CA PHE A 100 -13.83 26.38 0.69
C PHE A 100 -14.67 25.71 1.76
N ARG A 101 -15.11 24.47 1.51
CA ARG A 101 -15.90 23.73 2.49
C ARG A 101 -15.19 22.45 2.93
N ILE A 102 -14.03 22.15 2.33
CA ILE A 102 -13.34 20.90 2.66
C ILE A 102 -12.08 21.09 3.53
N HIS A 103 -11.73 22.33 3.85
CA HIS A 103 -10.57 22.59 4.71
C HIS A 103 -10.75 23.93 5.41
N ASP A 104 -9.89 24.23 6.39
CA ASP A 104 -9.88 25.55 7.01
C ASP A 104 -8.87 26.40 6.22
N PRO A 105 -9.38 27.37 5.40
CA PRO A 105 -8.52 28.18 4.56
C PRO A 105 -8.00 29.42 5.28
N THR A 106 -8.24 29.50 6.59
CA THR A 106 -7.90 30.71 7.37
C THR A 106 -6.56 30.59 8.09
N THR A 107 -6.17 31.67 8.76
CA THR A 107 -4.95 31.74 9.55
C THR A 107 -4.94 30.86 10.83
N SER A 108 -6.12 30.37 11.24
CA SER A 108 -6.19 29.44 12.38
C SER A 108 -5.64 28.03 12.05
N ASN A 109 -5.49 27.75 10.75
CA ASN A 109 -4.83 26.53 10.26
C ASN A 109 -3.66 26.84 9.31
N SER A 110 -2.48 27.17 9.83
CA SER A 110 -2.20 27.45 11.25
C SER A 110 -0.83 28.13 11.38
N GLY A 116 4.13 21.55 7.13
CA GLY A 116 4.89 22.61 6.48
C GLY A 116 4.05 23.50 5.57
N THR A 117 4.72 24.43 4.86
CA THR A 117 3.99 25.36 3.99
C THR A 117 3.48 24.73 2.69
N GLN A 118 3.92 23.51 2.40
CA GLN A 118 3.40 22.78 1.24
C GLN A 118 1.95 22.36 1.47
N TYR A 119 1.48 22.46 2.72
CA TYR A 119 0.06 22.18 3.02
C TYR A 119 -0.82 23.42 3.12
N ARG A 120 -0.32 24.57 2.64
CA ARG A 120 -1.08 25.83 2.72
C ARG A 120 -2.27 25.84 1.77
N SER A 121 -3.23 26.71 2.08
CA SER A 121 -4.38 26.87 1.22
C SER A 121 -3.95 27.74 0.05
N GLY A 122 -4.30 27.29 -1.16
CA GLY A 122 -3.93 28.06 -2.36
C GLY A 122 -4.70 27.66 -3.59
N LEU A 123 -4.90 28.65 -4.48
CA LEU A 123 -5.52 28.43 -5.76
C LEU A 123 -4.58 28.91 -6.86
N PHE A 124 -4.20 28.01 -7.76
CA PHE A 124 -3.24 28.33 -8.81
C PHE A 124 -3.98 28.37 -10.12
N ALA A 125 -4.12 29.57 -10.66
CA ALA A 125 -4.98 29.84 -11.82
C ALA A 125 -4.20 29.60 -13.08
N HIS A 126 -4.88 29.07 -14.09
CA HIS A 126 -4.27 28.77 -15.35
C HIS A 126 -4.54 29.87 -16.40
N SER A 127 -5.35 30.86 -16.05
CA SER A 127 -5.54 32.03 -16.91
C SER A 127 -5.70 33.31 -16.11
N ASP A 128 -5.43 34.45 -16.74
CA ASP A 128 -5.65 35.76 -16.14
C ASP A 128 -7.12 35.95 -15.76
N ALA A 129 -8.03 35.50 -16.62
CA ALA A 129 -9.46 35.60 -16.35
C ALA A 129 -9.85 34.77 -15.11
N ASP A 130 -9.26 33.57 -15.01
CA ASP A 130 -9.52 32.72 -13.84
C ASP A 130 -8.98 33.35 -12.57
N LEU A 131 -7.79 33.93 -12.64
CA LEU A 131 -7.20 34.65 -11.49
C LEU A 131 -8.15 35.71 -10.92
N LYS A 132 -8.75 36.51 -11.81
CA LYS A 132 -9.68 37.58 -11.41
C LYS A 132 -10.98 37.00 -10.80
N GLU A 133 -11.54 35.98 -11.44
CA GLU A 133 -12.72 35.28 -10.92
C GLU A 133 -12.43 34.64 -9.54
N LEU A 134 -11.29 33.98 -9.39
CA LEU A 134 -10.94 33.34 -8.11
C LEU A 134 -10.79 34.37 -6.99
N ALA A 135 -10.15 35.50 -7.28
CA ALA A 135 -10.04 36.59 -6.29
C ALA A 135 -11.42 37.11 -5.84
N LYS A 136 -12.36 37.19 -6.78
CA LYS A 136 -13.72 37.63 -6.48
C LYS A 136 -14.48 36.60 -5.63
N ILE A 137 -14.28 35.31 -5.94
CA ILE A 137 -14.91 34.24 -5.15
C ILE A 137 -14.38 34.25 -3.72
N LYS A 138 -13.05 34.33 -3.57
CA LYS A 138 -12.41 34.45 -2.26
C LYS A 138 -13.00 35.61 -1.47
N GLU A 139 -13.06 36.81 -2.08
CA GLU A 139 -13.68 37.95 -1.40
C GLU A 139 -15.15 37.69 -0.98
N GLU A 140 -15.90 37.01 -1.83
CA GLU A 140 -17.30 36.68 -1.53
C GLU A 140 -17.43 35.68 -0.37
N TRP A 141 -16.41 34.83 -0.23
CA TRP A 141 -16.35 33.82 0.84
C TRP A 141 -15.85 34.36 2.18
N GLN A 142 -15.23 35.53 2.18
CA GLN A 142 -14.58 36.07 3.40
C GLN A 142 -15.49 36.09 4.64
N PRO A 143 -16.72 36.63 4.52
CA PRO A 143 -17.53 36.75 5.74
C PRO A 143 -17.84 35.38 6.38
N LYS A 144 -18.01 34.36 5.54
CA LYS A 144 -18.33 33.01 6.03
C LYS A 144 -17.16 32.38 6.79
N TRP A 145 -15.94 32.83 6.47
CA TRP A 145 -14.73 32.44 7.18
C TRP A 145 -14.18 33.55 8.09
N GLY A 146 -15.09 34.43 8.54
CA GLY A 146 -14.75 35.48 9.51
C GLY A 146 -13.73 36.48 8.98
N ASN A 147 -13.70 36.65 7.66
CA ASN A 147 -12.79 37.55 6.96
C ASN A 147 -11.30 37.26 7.23
N LYS A 148 -10.97 36.00 7.52
CA LYS A 148 -9.59 35.61 7.78
C LYS A 148 -9.04 34.59 6.75
N ILE A 149 -9.67 34.53 5.58
CA ILE A 149 -9.21 33.61 4.52
C ILE A 149 -7.76 33.93 4.12
N ALA A 150 -6.89 32.94 4.27
CA ALA A 150 -5.45 33.07 4.00
C ALA A 150 -5.01 32.56 2.62
N THR A 151 -5.96 31.93 1.91
CA THR A 151 -5.72 31.31 0.61
C THR A 151 -4.97 32.24 -0.33
N VAL A 152 -3.83 31.78 -0.87
CA VAL A 152 -3.07 32.54 -1.87
C VAL A 152 -3.65 32.29 -3.24
N ILE A 153 -3.86 33.34 -4.02
CA ILE A 153 -4.33 33.16 -5.39
C ILE A 153 -3.24 33.71 -6.30
N GLU A 154 -2.66 32.82 -7.11
CA GLU A 154 -1.51 33.17 -7.95
C GLU A 154 -1.61 32.44 -9.28
N PRO A 155 -1.02 33.03 -10.35
CA PRO A 155 -0.88 32.34 -11.62
C PRO A 155 0.02 31.12 -11.39
N ILE A 156 -0.35 29.97 -11.94
CA ILE A 156 0.49 28.77 -11.75
C ILE A 156 1.79 28.97 -12.52
N LYS A 157 2.90 28.55 -11.90
CA LYS A 157 4.24 28.80 -12.46
C LYS A 157 4.90 27.47 -12.88
N ASN A 158 4.63 26.43 -12.11
CA ASN A 158 5.11 25.06 -12.41
C ASN A 158 4.11 24.04 -11.91
N PHE A 159 4.01 22.92 -12.61
CA PHE A 159 3.29 21.76 -12.07
C PHE A 159 4.12 20.53 -12.40
N TYR A 160 4.27 19.63 -11.41
CA TYR A 160 4.91 18.33 -11.61
C TYR A 160 4.05 17.23 -11.04
N ASP A 161 3.80 16.20 -11.85
CA ASP A 161 3.16 14.98 -11.33
C ASP A 161 4.02 14.49 -10.19
N ALA A 162 3.35 13.97 -9.15
CA ALA A 162 3.97 13.65 -7.88
C ALA A 162 5.12 12.72 -8.16
N GLU A 163 4.88 11.73 -9.02
CA GLU A 163 5.91 10.76 -9.44
C GLU A 163 7.11 11.43 -10.12
N GLU A 164 6.82 12.38 -11.02
CA GLU A 164 7.85 13.15 -11.76
C GLU A 164 8.72 14.11 -10.89
N TYR A 165 8.10 14.75 -9.91
CA TYR A 165 8.79 15.64 -8.99
C TYR A 165 9.79 14.84 -8.15
N HIS A 166 9.33 13.69 -7.65
CA HIS A 166 10.16 12.78 -6.83
C HIS A 166 11.36 12.32 -7.64
N GLN A 167 11.10 11.86 -8.87
CA GLN A 167 12.21 11.53 -9.78
C GLN A 167 13.16 12.72 -10.06
N LEU A 168 12.66 13.95 -10.01
CA LEU A 168 13.48 15.19 -10.23
C LEU A 168 14.26 15.77 -9.03
N TYR A 169 13.62 15.88 -7.87
CA TYR A 169 14.22 16.50 -6.67
C TYR A 169 14.70 15.52 -5.59
N LEU A 170 14.35 14.25 -5.77
CA LEU A 170 14.79 13.17 -4.86
C LEU A 170 15.65 12.14 -5.58
N ASP A 171 16.31 12.57 -6.66
CA ASP A 171 17.15 11.65 -7.44
C ASP A 171 18.18 10.91 -6.59
N LYS A 172 18.81 11.62 -5.65
CA LYS A 172 19.83 11.01 -4.80
C LYS A 172 19.27 10.62 -3.43
N ASN A 173 17.94 10.66 -3.31
CA ASN A 173 17.25 10.39 -2.05
C ASN A 173 16.07 9.41 -2.30
N PRO A 174 16.37 8.18 -2.76
CA PRO A 174 15.30 7.23 -3.03
C PRO A 174 14.46 6.89 -1.78
N GLN A 175 15.04 6.99 -0.58
CA GLN A 175 14.29 6.73 0.66
C GLN A 175 13.31 7.87 0.99
N GLY A 176 13.44 9.01 0.31
CA GLY A 176 12.62 10.19 0.63
C GLY A 176 12.73 10.62 2.09
N TYR A 177 13.95 10.63 2.64
CA TYR A 177 14.18 11.28 3.93
C TYR A 177 13.63 12.70 3.90
N ALA A 178 12.88 13.03 4.96
CA ALA A 178 12.31 14.35 5.21
C ALA A 178 11.23 14.75 4.20
N CYS A 179 10.76 13.79 3.41
CA CYS A 179 9.60 14.05 2.55
C CYS A 179 8.35 13.44 3.21
N PRO A 180 7.40 14.29 3.66
CA PRO A 180 6.25 13.81 4.43
C PRO A 180 5.21 13.11 3.54
N THR A 181 5.40 13.16 2.24
CA THR A 181 4.42 12.64 1.29
C THR A 181 4.45 11.11 1.27
N HIS A 182 3.27 10.49 1.32
CA HIS A 182 3.20 9.04 1.17
C HIS A 182 3.55 8.69 -0.27
N TYR A 183 4.50 7.76 -0.43
CA TYR A 183 4.73 7.04 -1.68
C TYR A 183 5.59 5.80 -1.37
N LEU A 184 5.51 4.79 -2.23
CA LEU A 184 6.22 3.54 -1.98
C LEU A 184 7.69 3.71 -2.33
N ARG A 185 8.52 3.76 -1.30
CA ARG A 185 9.96 3.81 -1.47
C ARG A 185 10.45 2.48 -1.95
N GLU A 186 11.37 2.50 -2.89
CA GLU A 186 11.94 1.27 -3.38
C GLU A 186 13.17 0.95 -2.52
N MET A 187 12.98 0.02 -1.58
CA MET A 187 13.98 -0.40 -0.59
C MET A 187 13.55 -1.74 0.04
N HIS B 1 -19.59 -2.05 27.92
CA HIS B 1 -19.31 -3.34 28.61
C HIS B 1 -17.81 -3.61 28.76
N HIS B 2 -16.99 -2.62 28.41
CA HIS B 2 -15.51 -2.67 28.49
C HIS B 2 -14.87 -3.96 27.99
N HIS B 3 -15.22 -4.33 26.77
CA HIS B 3 -14.61 -5.48 26.09
C HIS B 3 -13.79 -5.01 24.88
N GLY B 4 -13.53 -3.71 24.82
CA GLY B 4 -12.68 -3.14 23.78
C GLY B 4 -13.38 -2.65 22.53
N SER B 5 -14.71 -2.52 22.58
CA SER B 5 -15.44 -1.95 21.43
C SER B 5 -14.96 -0.53 21.10
N SER B 6 -14.41 0.18 22.08
CA SER B 6 -13.91 1.55 21.82
C SER B 6 -12.64 1.55 20.92
N LEU B 7 -12.08 0.37 20.69
CA LEU B 7 -10.83 0.22 19.93
C LEU B 7 -11.00 -0.08 18.45
N ILE B 8 -12.23 -0.44 18.07
CA ILE B 8 -12.52 -0.88 16.72
C ILE B 8 -13.39 0.16 16.04
N SER B 9 -13.05 0.48 14.79
CA SER B 9 -13.93 1.23 13.92
C SER B 9 -15.37 0.72 14.00
N LYS B 10 -16.33 1.62 14.22
CA LYS B 10 -17.74 1.25 14.20
C LYS B 10 -18.19 0.70 12.85
N THR B 11 -17.54 1.12 11.77
CA THR B 11 -18.02 0.82 10.44
C THR B 11 -17.21 -0.24 9.69
N ILE B 12 -16.03 -0.61 10.20
CA ILE B 12 -15.14 -1.51 9.48
C ILE B 12 -15.71 -2.93 9.39
N LYS B 13 -15.40 -3.63 8.29
CA LYS B 13 -15.77 -5.06 8.18
C LYS B 13 -14.76 -5.84 8.98
N TYR B 14 -15.22 -6.62 9.97
CA TYR B 14 -14.29 -7.36 10.82
C TYR B 14 -15.02 -8.47 11.55
N ASP B 15 -14.46 -9.67 11.47
CA ASP B 15 -15.02 -10.83 12.16
C ASP B 15 -13.89 -11.43 13.03
N PRO B 16 -14.02 -11.34 14.36
CA PRO B 16 -12.92 -11.75 15.24
C PRO B 16 -12.60 -13.23 15.15
N ALA B 17 -13.50 -14.01 14.56
CA ALA B 17 -13.23 -15.46 14.40
C ALA B 17 -12.10 -15.73 13.41
N LYS B 18 -11.91 -14.81 12.47
CA LYS B 18 -10.92 -15.04 11.42
C LYS B 18 -10.00 -13.86 11.11
N ASP B 19 -10.36 -12.66 11.56
CA ASP B 19 -9.59 -11.46 11.25
C ASP B 19 -8.83 -10.88 12.45
N LYS B 20 -7.87 -10.03 12.15
CA LYS B 20 -7.14 -9.27 13.13
C LYS B 20 -7.14 -7.81 12.72
N LEU B 21 -6.78 -6.93 13.66
CA LEU B 21 -6.72 -5.49 13.40
C LEU B 21 -5.30 -4.98 13.65
N ILE B 22 -4.93 -3.95 12.90
CA ILE B 22 -3.72 -3.17 13.17
C ILE B 22 -4.05 -1.72 12.81
N THR B 23 -3.61 -0.80 13.66
CA THR B 23 -3.92 0.62 13.48
C THR B 23 -2.59 1.38 13.28
N LEU B 24 -2.52 2.10 12.17
CA LEU B 24 -1.26 2.64 11.63
C LEU B 24 -1.27 4.16 11.51
N ALA B 25 -0.25 4.82 12.06
CA ALA B 25 -0.10 6.26 11.94
C ALA B 25 1.14 6.56 11.15
N CYS B 26 0.98 7.19 10.00
CA CYS B 26 2.15 7.61 9.20
C CYS B 26 1.94 8.84 8.33
N GLY B 27 1.22 9.83 8.85
CA GLY B 27 0.87 11.04 8.10
C GLY B 27 -0.63 11.19 7.88
N CYS B 28 -1.02 12.09 6.98
CA CYS B 28 -2.46 12.34 6.76
C CYS B 28 -3.11 11.02 6.42
N PHE B 29 -4.23 10.71 7.07
CA PHE B 29 -4.77 9.36 6.91
C PHE B 29 -5.34 9.07 5.54
N TRP B 30 -5.64 10.12 4.75
CA TRP B 30 -6.14 9.85 3.41
C TRP B 30 -5.00 9.32 2.55
N GLY B 31 -3.79 9.80 2.87
CA GLY B 31 -2.57 9.25 2.27
C GLY B 31 -2.34 7.80 2.64
N THR B 32 -2.48 7.46 3.92
CA THR B 32 -2.27 6.08 4.35
C THR B 32 -3.30 5.17 3.70
N GLU B 33 -4.55 5.64 3.65
CA GLU B 33 -5.62 4.86 3.03
C GLU B 33 -5.37 4.64 1.54
N HIS B 34 -4.96 5.69 0.84
CA HIS B 34 -4.62 5.56 -0.57
C HIS B 34 -3.57 4.45 -0.83
N MET B 35 -2.49 4.45 -0.04
CA MET B 35 -1.42 3.47 -0.23
C MET B 35 -1.92 2.03 -0.04
N TYR B 36 -2.62 1.76 1.08
CA TYR B 36 -3.09 0.42 1.35
C TYR B 36 -4.09 -0.06 0.31
N ARG B 37 -4.96 0.85 -0.12
CA ARG B 37 -5.94 0.48 -1.15
C ARG B 37 -5.28 0.28 -2.52
N LYS B 38 -4.35 1.17 -2.87
CA LYS B 38 -3.67 1.04 -4.18
C LYS B 38 -2.89 -0.28 -4.29
N TYR B 39 -2.16 -0.64 -3.25
CA TYR B 39 -1.30 -1.80 -3.33
C TYR B 39 -1.87 -3.09 -2.79
N LEU B 40 -2.77 -3.00 -1.81
CA LEU B 40 -3.15 -4.20 -1.05
C LEU B 40 -4.65 -4.39 -0.86
N ASN B 41 -5.47 -3.69 -1.65
CA ASN B 41 -6.92 -3.77 -1.42
C ASN B 41 -7.47 -5.18 -1.53
N ASP B 42 -6.95 -5.96 -2.50
CA ASP B 42 -7.41 -7.33 -2.71
C ASP B 42 -6.87 -8.34 -1.69
N ARG B 43 -6.06 -7.87 -0.75
CA ARG B 43 -5.50 -8.77 0.27
C ARG B 43 -5.85 -8.40 1.71
N ILE B 44 -6.64 -7.35 1.88
CA ILE B 44 -7.14 -6.97 3.20
C ILE B 44 -8.65 -7.06 3.18
N VAL B 45 -9.23 -7.15 4.36
CA VAL B 45 -10.67 -7.24 4.49
C VAL B 45 -11.32 -5.88 4.31
N ASP B 46 -10.76 -4.88 5.00
CA ASP B 46 -11.32 -3.53 4.97
C ASP B 46 -10.33 -2.60 5.66
N CYS B 47 -10.47 -1.30 5.43
CA CYS B 47 -9.71 -0.34 6.22
C CYS B 47 -10.55 0.93 6.36
N LYS B 48 -10.36 1.66 7.46
CA LYS B 48 -11.13 2.87 7.76
C LYS B 48 -10.20 3.88 8.39
N VAL B 49 -10.28 5.12 7.95
CA VAL B 49 -9.55 6.23 8.56
C VAL B 49 -10.18 6.72 9.86
N GLY B 50 -9.34 7.24 10.74
CA GLY B 50 -9.80 7.87 11.94
C GLY B 50 -8.71 8.41 12.82
N TYR B 51 -9.04 8.56 14.10
CA TYR B 51 -8.10 9.10 15.07
C TYR B 51 -7.92 8.11 16.19
N ALA B 52 -6.67 7.91 16.58
CA ALA B 52 -6.39 6.97 17.65
C ALA B 52 -5.33 7.48 18.60
N ASN B 53 -5.36 6.98 19.81
CA ASN B 53 -4.23 7.21 20.71
C ASN B 53 -3.87 5.90 21.42
N GLY B 54 -2.77 5.92 22.17
CA GLY B 54 -2.23 4.69 22.73
C GLY B 54 -1.95 4.85 24.22
N GLU B 55 -1.65 3.71 24.86
CA GLU B 55 -1.24 3.72 26.26
C GLU B 55 0.22 4.13 26.28
N GLU B 56 0.47 5.30 26.84
CA GLU B 56 1.78 5.93 26.73
C GLU B 56 2.64 5.53 27.92
N SER B 57 3.90 5.21 27.64
CA SER B 57 4.82 4.75 28.69
C SER B 57 5.80 5.86 29.08
N TYR B 67 -0.88 20.22 25.47
CA TYR B 67 -0.58 21.07 24.32
C TYR B 67 -1.80 21.40 23.42
N LYS B 68 -1.60 21.27 22.12
CA LYS B 68 -2.59 21.65 21.13
C LYS B 68 -3.62 20.52 20.96
N ARG B 69 -4.91 20.85 21.04
CA ARG B 69 -5.98 19.88 20.77
C ARG B 69 -5.89 19.39 19.31
N VAL B 70 -6.32 18.14 19.06
CA VAL B 70 -6.28 17.58 17.71
C VAL B 70 -7.70 17.60 17.14
N CYS B 71 -7.98 18.54 16.25
CA CYS B 71 -9.33 18.70 15.70
C CYS B 71 -10.40 18.63 16.80
N GLY B 72 -10.17 19.38 17.87
CA GLY B 72 -11.13 19.52 18.96
C GLY B 72 -11.07 18.44 20.03
N GLY B 73 -10.28 17.39 19.79
CA GLY B 73 -10.16 16.28 20.73
C GLY B 73 -8.82 16.26 21.44
N ASP B 74 -8.54 15.20 22.19
CA ASP B 74 -7.36 15.16 23.09
C ASP B 74 -6.03 15.40 22.35
N THR B 75 -5.06 16.00 23.03
CA THR B 75 -3.80 16.38 22.39
C THR B 75 -3.00 15.23 21.77
N ASP B 76 -3.20 14.00 22.26
CA ASP B 76 -2.38 12.86 21.79
C ASP B 76 -2.96 12.06 20.62
N PHE B 77 -4.10 12.51 20.06
CA PHE B 77 -4.72 11.75 18.98
C PHE B 77 -3.87 11.84 17.72
N ALA B 78 -3.72 10.72 17.01
CA ALA B 78 -3.00 10.68 15.75
C ALA B 78 -3.93 10.29 14.62
N GLU B 79 -3.70 10.86 13.43
CA GLU B 79 -4.36 10.38 12.20
C GLU B 79 -3.88 8.97 11.86
N VAL B 80 -4.84 8.05 11.74
CA VAL B 80 -4.52 6.64 11.53
C VAL B 80 -5.39 5.98 10.47
N LEU B 81 -4.89 4.86 9.97
CA LEU B 81 -5.71 3.92 9.25
C LEU B 81 -5.84 2.64 10.06
N GLN B 82 -7.06 2.23 10.35
CA GLN B 82 -7.26 0.89 10.93
C GLN B 82 -7.47 -0.12 9.81
N VAL B 83 -6.72 -1.20 9.87
CA VAL B 83 -6.79 -2.22 8.82
C VAL B 83 -7.28 -3.52 9.44
N SER B 84 -8.30 -4.11 8.82
CA SER B 84 -8.82 -5.43 9.18
C SER B 84 -8.29 -6.41 8.12
N TYR B 85 -7.72 -7.52 8.56
CA TYR B 85 -7.09 -8.48 7.65
C TYR B 85 -7.21 -9.92 8.15
N ASN B 86 -7.13 -10.84 7.20
CA ASN B 86 -7.11 -12.27 7.49
C ASN B 86 -5.67 -12.75 7.47
N PRO B 87 -5.14 -13.19 8.61
CA PRO B 87 -3.72 -13.60 8.66
C PRO B 87 -3.37 -14.82 7.77
N LYS B 88 -4.39 -15.49 7.24
CA LYS B 88 -4.12 -16.55 6.26
C LYS B 88 -4.05 -15.98 4.83
N VAL B 89 -4.30 -14.68 4.70
CA VAL B 89 -4.29 -14.01 3.37
C VAL B 89 -3.08 -13.09 3.27
N ILE B 90 -2.80 -12.41 4.38
CA ILE B 90 -1.67 -11.47 4.48
C ILE B 90 -1.20 -11.45 5.93
N THR B 91 0.11 -11.36 6.16
CA THR B 91 0.62 -11.40 7.52
C THR B 91 0.76 -9.99 8.09
N LEU B 92 0.84 -9.90 9.42
CA LEU B 92 1.13 -8.62 10.08
C LEU B 92 2.50 -8.13 9.63
N ARG B 93 3.41 -9.07 9.47
CA ARG B 93 4.73 -8.72 8.95
C ARG B 93 4.69 -8.00 7.58
N GLU B 94 3.93 -8.54 6.62
CA GLU B 94 3.78 -7.89 5.32
C GLU B 94 3.12 -6.51 5.44
N LEU B 95 2.11 -6.40 6.28
CA LEU B 95 1.45 -5.09 6.46
C LEU B 95 2.39 -4.05 7.07
N THR B 96 3.24 -4.51 7.99
CA THR B 96 4.19 -3.65 8.69
C THR B 96 5.39 -3.28 7.81
N ASP B 97 5.90 -4.24 7.03
CA ASP B 97 6.95 -3.97 6.05
C ASP B 97 6.48 -2.89 5.08
N PHE B 98 5.22 -2.96 4.67
CA PHE B 98 4.64 -1.97 3.77
C PHE B 98 4.59 -0.59 4.44
N PHE B 99 4.09 -0.55 5.68
CA PHE B 99 4.14 0.68 6.51
C PHE B 99 5.54 1.31 6.50
N PHE B 100 6.60 0.52 6.71
CA PHE B 100 7.94 1.09 6.81
C PHE B 100 8.54 1.49 5.45
N ARG B 101 7.80 1.27 4.36
CA ARG B 101 8.23 1.68 3.02
C ARG B 101 7.39 2.82 2.41
N ILE B 102 6.29 3.23 3.05
CA ILE B 102 5.42 4.27 2.44
C ILE B 102 5.58 5.67 3.06
N HIS B 103 6.45 5.77 4.06
CA HIS B 103 6.73 7.06 4.67
C HIS B 103 8.16 7.04 5.20
N ASP B 104 8.66 8.21 5.58
CA ASP B 104 9.94 8.31 6.30
C ASP B 104 9.62 8.14 7.79
N PRO B 105 9.99 7.00 8.37
CA PRO B 105 9.62 6.73 9.76
C PRO B 105 10.69 7.22 10.73
N THR B 106 11.69 7.94 10.22
CA THR B 106 12.84 8.28 11.06
C THR B 106 12.72 9.71 11.59
N THR B 107 13.75 10.14 12.33
CA THR B 107 13.73 11.46 12.95
C THR B 107 13.84 12.60 11.92
N SER B 108 14.21 12.30 10.67
CA SER B 108 14.21 13.36 9.64
C SER B 108 12.78 13.80 9.20
N ASN B 109 11.77 13.08 9.67
CA ASN B 109 10.37 13.36 9.35
C ASN B 109 9.51 13.46 10.61
N SER B 110 10.12 13.49 11.78
CA SER B 110 9.32 13.55 13.01
C SER B 110 9.12 15.03 13.38
N GLN B 111 7.94 15.31 13.94
CA GLN B 111 7.45 16.69 14.04
C GLN B 111 8.19 17.52 15.07
N GLY B 112 9.00 18.44 14.56
CA GLY B 112 9.70 19.43 15.38
C GLY B 112 9.74 20.82 14.77
N PRO B 113 8.74 21.20 13.96
CA PRO B 113 8.60 22.62 13.68
C PRO B 113 7.44 23.24 14.45
N LYS B 115 3.67 22.66 16.53
CA LYS B 115 4.24 21.33 16.34
C LYS B 115 3.12 20.28 16.31
N GLY B 116 2.76 19.85 15.10
CA GLY B 116 1.62 18.94 14.85
C GLY B 116 1.81 17.43 15.06
N THR B 117 1.67 17.01 16.30
CA THR B 117 1.90 15.61 16.66
C THR B 117 0.90 14.59 16.07
N GLN B 118 -0.20 15.07 15.47
CA GLN B 118 -1.24 14.19 14.92
C GLN B 118 -0.74 13.45 13.69
N TYR B 119 0.42 13.87 13.18
CA TYR B 119 1.00 13.26 11.98
C TYR B 119 2.16 12.29 12.26
N ARG B 120 2.32 11.95 13.54
CA ARG B 120 3.46 11.12 13.95
C ARG B 120 3.40 9.71 13.37
N SER B 121 4.58 9.10 13.25
CA SER B 121 4.72 7.71 12.88
C SER B 121 4.45 6.86 14.10
N GLY B 122 3.52 5.92 13.97
CA GLY B 122 3.10 5.12 15.12
C GLY B 122 2.42 3.84 14.73
N LEU B 123 2.59 2.80 15.55
CA LEU B 123 1.88 1.56 15.35
C LEU B 123 1.11 1.31 16.63
N PHE B 124 -0.21 1.20 16.51
CA PHE B 124 -1.06 0.94 17.66
C PHE B 124 -1.53 -0.51 17.63
N ALA B 125 -1.02 -1.30 18.58
CA ALA B 125 -1.22 -2.75 18.64
C ALA B 125 -2.49 -3.13 19.36
N HIS B 126 -3.17 -4.14 18.83
CA HIS B 126 -4.43 -4.59 19.40
C HIS B 126 -4.27 -5.79 20.32
N SER B 127 -3.03 -6.26 20.47
CA SER B 127 -2.73 -7.36 21.37
C SER B 127 -1.32 -7.26 21.92
N ASP B 128 -1.11 -7.91 23.07
CA ASP B 128 0.22 -7.95 23.67
C ASP B 128 1.21 -8.63 22.76
N ALA B 129 0.77 -9.71 22.12
CA ALA B 129 1.60 -10.49 21.19
C ALA B 129 1.97 -9.64 19.97
N ASP B 130 0.99 -8.91 19.45
CA ASP B 130 1.26 -7.99 18.33
C ASP B 130 2.29 -6.93 18.69
N LEU B 131 2.18 -6.37 19.90
CA LEU B 131 3.11 -5.31 20.34
C LEU B 131 4.55 -5.78 20.26
N LYS B 132 4.75 -7.03 20.71
CA LYS B 132 6.05 -7.65 20.66
C LYS B 132 6.58 -7.89 19.23
N GLU B 133 5.73 -8.42 18.34
CA GLU B 133 6.13 -8.64 16.94
C GLU B 133 6.47 -7.33 16.21
N LEU B 134 5.65 -6.31 16.44
CA LEU B 134 5.89 -4.98 15.83
C LEU B 134 7.22 -4.36 16.28
N ALA B 135 7.53 -4.48 17.58
CA ALA B 135 8.81 -4.00 18.12
C ALA B 135 9.97 -4.74 17.45
N LYS B 136 9.81 -6.03 17.24
CA LYS B 136 10.83 -6.80 16.51
C LYS B 136 11.00 -6.32 15.05
N ILE B 137 9.89 -6.11 14.36
CA ILE B 137 9.92 -5.67 12.96
C ILE B 137 10.58 -4.27 12.83
N LYS B 138 10.23 -3.36 13.74
CA LYS B 138 10.88 -2.05 13.79
C LYS B 138 12.39 -2.17 13.89
N GLU B 139 12.88 -3.03 14.80
CA GLU B 139 14.33 -3.21 14.99
C GLU B 139 14.99 -3.76 13.73
N GLU B 140 14.28 -4.61 13.00
CA GLU B 140 14.82 -5.24 11.80
C GLU B 140 14.87 -4.26 10.61
N TRP B 141 14.07 -3.20 10.67
CA TRP B 141 14.10 -2.14 9.65
C TRP B 141 15.15 -1.06 9.91
N GLN B 142 15.69 -1.03 11.14
CA GLN B 142 16.66 -0.01 11.51
C GLN B 142 17.93 0.04 10.62
N PRO B 143 18.53 -1.13 10.27
CA PRO B 143 19.71 -1.05 9.38
C PRO B 143 19.38 -0.47 7.99
N LYS B 144 18.21 -0.81 7.45
CA LYS B 144 17.84 -0.29 6.14
C LYS B 144 17.57 1.21 6.18
N TRP B 145 16.90 1.67 7.25
CA TRP B 145 16.60 3.10 7.36
C TRP B 145 17.81 3.92 7.79
N GLY B 146 18.68 3.31 8.61
CA GLY B 146 19.94 3.96 9.02
C GLY B 146 19.71 5.03 10.07
N ASN B 147 19.14 6.16 9.62
CA ASN B 147 18.71 7.23 10.53
C ASN B 147 17.72 6.65 11.54
N LYS B 148 17.77 7.14 12.78
CA LYS B 148 17.01 6.56 13.89
C LYS B 148 15.50 6.51 13.58
N ILE B 149 14.91 5.32 13.67
CA ILE B 149 13.46 5.19 13.48
C ILE B 149 12.71 5.80 14.68
N ALA B 150 11.79 6.72 14.38
CA ALA B 150 11.04 7.47 15.39
C ALA B 150 9.70 6.82 15.76
N THR B 151 9.28 5.82 14.97
CA THR B 151 7.97 5.18 15.15
C THR B 151 7.72 4.72 16.60
N VAL B 152 6.61 5.15 17.18
CA VAL B 152 6.28 4.72 18.53
C VAL B 152 5.40 3.50 18.39
N ILE B 153 5.52 2.58 19.33
CA ILE B 153 4.72 1.37 19.31
C ILE B 153 4.01 1.26 20.68
N GLU B 154 2.68 1.29 20.65
CA GLU B 154 1.90 1.39 21.89
C GLU B 154 0.66 0.52 21.78
N PRO B 155 0.17 -0.04 22.91
CA PRO B 155 -1.15 -0.68 22.81
C PRO B 155 -2.21 0.39 22.52
N ILE B 156 -3.15 0.07 21.65
CA ILE B 156 -4.19 1.04 21.32
C ILE B 156 -5.10 1.32 22.52
N LYS B 157 -5.52 2.58 22.67
CA LYS B 157 -6.28 3.02 23.83
C LYS B 157 -7.68 3.53 23.44
N ASN B 158 -7.78 4.17 22.27
CA ASN B 158 -9.04 4.67 21.69
C ASN B 158 -8.90 4.71 20.17
N PHE B 159 -9.98 4.44 19.46
CA PHE B 159 -10.08 4.67 18.01
C PHE B 159 -11.46 5.26 17.76
N TYR B 160 -11.55 6.30 16.93
CA TYR B 160 -12.82 6.81 16.42
C TYR B 160 -12.71 6.93 14.90
N ASP B 161 -13.69 6.38 14.17
CA ASP B 161 -13.86 6.73 12.75
C ASP B 161 -13.81 8.25 12.59
N ALA B 162 -13.22 8.70 11.49
CA ALA B 162 -13.05 10.15 11.24
C ALA B 162 -14.35 10.94 11.43
N GLU B 163 -15.40 10.53 10.73
CA GLU B 163 -16.67 11.27 10.77
C GLU B 163 -17.23 11.31 12.17
N GLU B 164 -17.12 10.18 12.87
CA GLU B 164 -17.58 10.09 14.25
C GLU B 164 -16.85 11.07 15.17
N TYR B 165 -15.54 11.18 14.99
CA TYR B 165 -14.70 12.05 15.82
C TYR B 165 -15.04 13.52 15.60
N HIS B 166 -15.23 13.91 14.34
CA HIS B 166 -15.64 15.29 14.01
C HIS B 166 -16.99 15.63 14.68
N GLN B 167 -17.91 14.65 14.72
CA GLN B 167 -19.17 14.88 15.43
C GLN B 167 -18.98 14.95 16.95
N LEU B 168 -18.17 14.05 17.51
CA LEU B 168 -17.95 14.02 18.96
C LEU B 168 -17.35 15.33 19.48
N TYR B 169 -16.39 15.86 18.73
CA TYR B 169 -15.67 17.06 19.13
C TYR B 169 -16.15 18.31 18.40
N LEU B 170 -17.39 18.25 17.92
CA LEU B 170 -17.95 19.39 17.21
C LEU B 170 -17.86 20.68 18.04
N ASP B 171 -18.20 20.59 19.33
CA ASP B 171 -18.14 21.78 20.18
C ASP B 171 -19.06 22.83 19.53
N LYS B 172 -18.52 24.01 19.36
CA LYS B 172 -19.23 25.09 18.71
C LYS B 172 -18.48 25.42 17.46
N ASN B 173 -17.91 24.40 16.81
CA ASN B 173 -17.02 24.65 15.70
C ASN B 173 -17.38 23.81 14.47
N PRO B 174 -18.57 24.05 13.87
CA PRO B 174 -19.02 23.23 12.73
C PRO B 174 -18.12 23.37 11.50
N GLN B 175 -17.42 24.49 11.37
CA GLN B 175 -16.55 24.73 10.20
C GLN B 175 -15.15 24.12 10.36
N GLY B 176 -14.86 23.57 11.53
CA GLY B 176 -13.53 22.96 11.74
C GLY B 176 -12.36 23.92 11.62
N TYR B 177 -12.52 25.13 12.16
CA TYR B 177 -11.40 26.03 12.27
C TYR B 177 -10.33 25.30 13.07
N ALA B 178 -9.08 25.43 12.63
CA ALA B 178 -7.91 24.90 13.32
C ALA B 178 -7.79 23.37 13.20
N CYS B 179 -8.62 22.76 12.34
CA CYS B 179 -8.49 21.34 12.00
C CYS B 179 -7.88 21.13 10.60
N PRO B 180 -6.66 20.58 10.54
CA PRO B 180 -5.99 20.51 9.24
C PRO B 180 -6.45 19.37 8.34
N THR B 181 -7.37 18.54 8.83
CA THR B 181 -7.79 17.34 8.14
C THR B 181 -8.86 17.72 7.13
N HIS B 182 -8.78 17.15 5.92
CA HIS B 182 -9.84 17.27 4.91
C HIS B 182 -11.08 16.55 5.41
N TYR B 183 -12.22 17.25 5.36
CA TYR B 183 -13.53 16.61 5.42
C TYR B 183 -14.55 17.67 4.99
N LEU B 184 -15.72 17.24 4.54
CA LEU B 184 -16.76 18.17 4.10
C LEU B 184 -17.43 18.77 5.32
N ARG B 185 -17.15 20.04 5.59
CA ARG B 185 -17.65 20.69 6.80
C ARG B 185 -19.17 20.88 6.75
N GLU B 186 -19.82 20.90 7.90
CA GLU B 186 -21.25 21.23 7.90
C GLU B 186 -21.40 22.72 7.91
N MET B 187 -21.54 23.25 6.70
CA MET B 187 -21.60 24.68 6.41
C MET B 187 -22.01 24.83 4.97
N SER C 5 10.75 -38.08 5.70
CA SER C 5 12.10 -38.12 5.05
C SER C 5 12.00 -38.27 3.53
N SER C 6 11.09 -39.12 3.08
CA SER C 6 10.84 -39.32 1.65
C SER C 6 10.07 -38.14 1.05
N LEU C 7 9.42 -37.38 1.92
CA LEU C 7 8.57 -36.26 1.54
C LEU C 7 9.35 -34.94 1.47
N ILE C 8 10.36 -34.82 2.33
CA ILE C 8 11.11 -33.58 2.51
C ILE C 8 12.49 -33.67 1.87
N SER C 9 12.87 -32.63 1.15
CA SER C 9 14.19 -32.50 0.55
C SER C 9 15.30 -32.77 1.56
N LYS C 10 16.34 -33.47 1.10
CA LYS C 10 17.52 -33.81 1.91
C LYS C 10 18.32 -32.57 2.37
N THR C 11 18.30 -31.51 1.55
CA THR C 11 19.18 -30.35 1.75
C THR C 11 18.50 -29.04 2.17
N ILE C 12 17.20 -28.94 1.93
CA ILE C 12 16.44 -27.70 2.16
C ILE C 12 16.51 -27.20 3.61
N LYS C 13 16.62 -25.88 3.78
CA LYS C 13 16.58 -25.25 5.09
C LYS C 13 15.13 -25.31 5.60
N TYR C 14 14.92 -26.02 6.70
CA TYR C 14 13.57 -26.32 7.18
C TYR C 14 13.52 -26.63 8.68
N ASP C 15 12.80 -25.77 9.42
CA ASP C 15 12.56 -25.95 10.85
C ASP C 15 11.09 -26.33 11.04
N PRO C 16 10.81 -27.63 11.27
CA PRO C 16 9.43 -28.13 11.45
C PRO C 16 8.63 -27.39 12.53
N ALA C 17 9.33 -26.83 13.52
CA ALA C 17 8.70 -26.13 14.65
C ALA C 17 8.07 -24.78 14.28
N LYS C 18 8.56 -24.17 13.19
CA LYS C 18 8.08 -22.84 12.77
C LYS C 18 7.86 -22.68 11.25
N ASP C 19 8.23 -23.68 10.45
CA ASP C 19 8.10 -23.60 8.98
C ASP C 19 7.06 -24.58 8.40
N LYS C 20 6.71 -24.36 7.14
CA LYS C 20 5.85 -25.28 6.38
C LYS C 20 6.45 -25.55 5.00
N LEU C 21 5.93 -26.56 4.31
CA LEU C 21 6.39 -26.91 2.97
C LEU C 21 5.26 -26.95 1.94
N ILE C 22 5.62 -26.62 0.70
CA ILE C 22 4.73 -26.78 -0.45
C ILE C 22 5.58 -27.17 -1.67
N THR C 23 5.11 -28.16 -2.43
CA THR C 23 5.83 -28.63 -3.60
C THR C 23 5.01 -28.33 -4.88
N LEU C 24 5.66 -27.67 -5.83
CA LEU C 24 4.97 -27.07 -6.97
C LEU C 24 5.50 -27.58 -8.32
N ALA C 25 4.59 -28.07 -9.16
CA ALA C 25 4.92 -28.50 -10.51
C ALA C 25 4.22 -27.61 -11.54
N CYS C 26 5.00 -26.89 -12.32
CA CYS C 26 4.45 -26.03 -13.37
C CYS C 26 5.39 -25.88 -14.56
N GLY C 27 6.06 -26.97 -14.93
CA GLY C 27 7.04 -26.94 -16.01
C GLY C 27 8.43 -27.29 -15.52
N CYS C 28 9.44 -27.07 -16.37
CA CYS C 28 10.82 -27.38 -16.02
C CYS C 28 11.20 -26.65 -14.74
N PHE C 29 11.68 -27.38 -13.74
CA PHE C 29 11.86 -26.82 -12.40
C PHE C 29 12.84 -25.63 -12.32
N TRP C 30 13.68 -25.49 -13.34
CA TRP C 30 14.58 -24.33 -13.44
C TRP C 30 13.82 -23.02 -13.69
N GLY C 31 12.76 -23.10 -14.51
CA GLY C 31 11.87 -21.96 -14.73
C GLY C 31 11.08 -21.61 -13.48
N THR C 32 10.62 -22.63 -12.77
CA THR C 32 9.87 -22.48 -11.53
C THR C 32 10.72 -21.87 -10.41
N GLU C 33 11.97 -22.34 -10.28
CA GLU C 33 12.89 -21.83 -9.27
C GLU C 33 13.26 -20.37 -9.53
N HIS C 34 13.40 -20.02 -10.82
CA HIS C 34 13.71 -18.65 -11.21
C HIS C 34 12.62 -17.66 -10.81
N MET C 35 11.36 -18.04 -11.01
CA MET C 35 10.23 -17.16 -10.70
C MET C 35 10.13 -16.86 -9.21
N TYR C 36 10.24 -17.90 -8.38
CA TYR C 36 10.14 -17.76 -6.93
C TYR C 36 11.34 -17.07 -6.30
N ARG C 37 12.49 -17.16 -6.96
CA ARG C 37 13.69 -16.45 -6.54
C ARG C 37 13.66 -14.99 -7.03
N LYS C 38 13.12 -14.77 -8.23
CA LYS C 38 13.02 -13.43 -8.81
C LYS C 38 12.08 -12.52 -8.01
N TYR C 39 10.97 -13.09 -7.53
CA TYR C 39 9.90 -12.31 -6.90
C TYR C 39 9.74 -12.48 -5.39
N LEU C 40 10.22 -13.60 -4.85
CA LEU C 40 9.88 -13.97 -3.46
C LEU C 40 11.02 -14.52 -2.61
N ASN C 41 12.26 -14.50 -3.12
CA ASN C 41 13.39 -15.12 -2.41
C ASN C 41 13.59 -14.61 -0.98
N ASP C 42 13.47 -13.30 -0.82
CA ASP C 42 13.59 -12.63 0.48
C ASP C 42 12.46 -13.01 1.44
N ARG C 43 11.38 -13.56 0.90
CA ARG C 43 10.19 -13.85 1.68
C ARG C 43 9.95 -15.36 1.92
N ILE C 44 10.86 -16.18 1.41
CA ILE C 44 10.81 -17.62 1.66
C ILE C 44 12.07 -18.09 2.40
N VAL C 45 11.94 -19.15 3.18
CA VAL C 45 13.06 -19.70 3.95
C VAL C 45 14.11 -20.31 3.02
N ASP C 46 13.65 -21.16 2.11
CA ASP C 46 14.50 -21.86 1.16
C ASP C 46 13.63 -22.57 0.12
N CYS C 47 14.22 -22.88 -1.03
CA CYS C 47 13.56 -23.69 -2.06
C CYS C 47 14.56 -24.58 -2.79
N LYS C 48 14.18 -25.84 -3.01
CA LYS C 48 15.04 -26.78 -3.74
C LYS C 48 14.32 -27.47 -4.88
N VAL C 49 15.01 -27.56 -6.02
CA VAL C 49 14.49 -28.25 -7.21
C VAL C 49 14.58 -29.77 -7.06
N GLY C 50 13.78 -30.47 -7.84
CA GLY C 50 13.80 -31.94 -7.85
C GLY C 50 12.58 -32.57 -8.45
N TYR C 51 12.35 -33.83 -8.08
CA TYR C 51 11.27 -34.63 -8.65
C TYR C 51 10.37 -35.19 -7.57
N ALA C 52 9.06 -35.04 -7.78
CA ALA C 52 8.07 -35.51 -6.83
C ALA C 52 6.90 -36.21 -7.52
N ASN C 53 6.24 -37.09 -6.76
CA ASN C 53 4.99 -37.71 -7.20
C ASN C 53 3.96 -37.69 -6.08
N GLY C 54 2.69 -37.90 -6.43
CA GLY C 54 1.59 -37.86 -5.47
C GLY C 54 0.83 -39.17 -5.34
N GLU C 55 -0.24 -39.15 -4.53
CA GLU C 55 -1.04 -40.34 -4.25
C GLU C 55 -2.28 -40.43 -5.16
N GLU C 56 -2.63 -41.66 -5.55
CA GLU C 56 -3.76 -41.91 -6.46
C GLU C 56 -5.18 -41.68 -5.90
N SER C 57 -5.47 -42.05 -4.65
CA SER C 57 -4.55 -42.71 -3.73
C SER C 57 -4.72 -44.23 -3.76
N VAL C 70 11.14 -41.15 -16.62
CA VAL C 70 11.44 -39.77 -16.21
C VAL C 70 12.84 -39.67 -15.57
N CYS C 71 13.87 -39.67 -16.43
CA CYS C 71 15.26 -39.39 -16.02
C CYS C 71 16.02 -40.33 -15.05
N GLY C 72 15.67 -41.61 -14.90
CA GLY C 72 14.49 -42.26 -15.46
C GLY C 72 13.66 -42.82 -14.32
N GLY C 73 13.45 -44.13 -14.32
CA GLY C 73 12.69 -44.77 -13.25
C GLY C 73 11.18 -44.64 -13.42
N ASP C 74 10.53 -43.95 -12.46
CA ASP C 74 9.07 -43.88 -12.43
C ASP C 74 8.50 -42.92 -13.45
N THR C 75 7.41 -43.33 -14.12
CA THR C 75 6.78 -42.52 -15.17
C THR C 75 5.97 -41.33 -14.64
N ASP C 76 5.62 -41.37 -13.36
CA ASP C 76 4.74 -40.36 -12.75
C ASP C 76 5.45 -39.18 -12.08
N PHE C 77 6.78 -39.23 -12.01
CA PHE C 77 7.58 -38.13 -11.45
C PHE C 77 7.45 -36.85 -12.26
N ALA C 78 7.26 -35.74 -11.57
CA ALA C 78 7.14 -34.42 -12.19
C ALA C 78 8.28 -33.52 -11.75
N GLU C 79 8.68 -32.60 -12.64
CA GLU C 79 9.70 -31.60 -12.31
C GLU C 79 9.11 -30.55 -11.38
N VAL C 80 9.62 -30.49 -10.17
CA VAL C 80 9.03 -29.69 -9.10
C VAL C 80 10.02 -28.80 -8.33
N LEU C 81 9.47 -27.81 -7.64
CA LEU C 81 10.19 -27.00 -6.67
C LEU C 81 9.53 -27.15 -5.31
N GLN C 82 10.33 -27.55 -4.31
CA GLN C 82 9.85 -27.61 -2.93
C GLN C 82 10.22 -26.30 -2.25
N VAL C 83 9.22 -25.65 -1.66
CA VAL C 83 9.42 -24.35 -1.00
C VAL C 83 9.23 -24.47 0.50
N SER C 84 10.23 -24.02 1.24
CA SER C 84 10.15 -23.89 2.69
C SER C 84 9.81 -22.44 3.03
N TYR C 85 8.80 -22.25 3.88
CA TYR C 85 8.33 -20.91 4.22
C TYR C 85 7.77 -20.82 5.64
N ASN C 86 7.88 -19.63 6.23
CA ASN C 86 7.27 -19.33 7.50
C ASN C 86 5.93 -18.64 7.24
N PRO C 87 4.81 -19.24 7.72
CA PRO C 87 3.47 -18.71 7.45
C PRO C 87 3.18 -17.37 8.16
N LYS C 88 4.12 -16.92 8.98
CA LYS C 88 4.07 -15.60 9.62
C LYS C 88 4.92 -14.58 8.84
N VAL C 89 5.41 -15.01 7.66
CA VAL C 89 6.19 -14.15 6.76
C VAL C 89 5.50 -14.08 5.38
N ILE C 90 5.08 -15.24 4.89
CA ILE C 90 4.34 -15.34 3.63
C ILE C 90 3.27 -16.45 3.80
N THR C 91 2.11 -16.26 3.17
CA THR C 91 1.02 -17.22 3.30
C THR C 91 1.08 -18.26 2.17
N LEU C 92 0.40 -19.38 2.37
CA LEU C 92 0.27 -20.37 1.30
C LEU C 92 -0.60 -19.83 0.17
N ARG C 93 -1.59 -19.00 0.52
CA ARG C 93 -2.43 -18.30 -0.46
C ARG C 93 -1.57 -17.52 -1.45
N GLU C 94 -0.62 -16.75 -0.93
CA GLU C 94 0.31 -15.95 -1.75
C GLU C 94 1.15 -16.79 -2.71
N LEU C 95 1.75 -17.86 -2.17
CA LEU C 95 2.60 -18.75 -2.97
C LEU C 95 1.79 -19.45 -4.05
N THR C 96 0.54 -19.79 -3.73
CA THR C 96 -0.35 -20.46 -4.67
C THR C 96 -0.89 -19.51 -5.76
N ASP C 97 -1.22 -18.27 -5.37
CA ASP C 97 -1.63 -17.24 -6.33
C ASP C 97 -0.52 -16.93 -7.32
N PHE C 98 0.73 -17.00 -6.83
CA PHE C 98 1.90 -16.79 -7.66
C PHE C 98 2.04 -17.91 -8.70
N PHE C 99 1.88 -19.15 -8.22
CA PHE C 99 1.87 -20.34 -9.06
C PHE C 99 0.89 -20.21 -10.24
N PHE C 100 -0.28 -19.63 -10.00
CA PHE C 100 -1.31 -19.51 -11.03
C PHE C 100 -1.17 -18.33 -11.98
N ARG C 101 -0.12 -17.52 -11.79
CA ARG C 101 0.17 -16.39 -12.68
C ARG C 101 1.45 -16.57 -13.49
N ILE C 102 2.23 -17.60 -13.15
CA ILE C 102 3.55 -17.79 -13.77
C ILE C 102 3.59 -18.83 -14.89
N HIS C 103 2.48 -19.55 -15.07
CA HIS C 103 2.34 -20.49 -16.18
C HIS C 103 0.89 -20.59 -16.69
N ASP C 104 0.74 -21.21 -17.85
CA ASP C 104 -0.57 -21.52 -18.42
C ASP C 104 -1.04 -22.84 -17.77
N PRO C 105 -1.94 -22.76 -16.78
CA PRO C 105 -2.31 -23.94 -16.01
C PRO C 105 -3.55 -24.65 -16.57
N THR C 106 -4.06 -24.14 -17.68
CA THR C 106 -5.28 -24.65 -18.30
C THR C 106 -4.96 -25.75 -19.31
N THR C 107 -5.99 -26.41 -19.84
CA THR C 107 -5.80 -27.36 -20.93
C THR C 107 -5.47 -26.58 -22.21
N SER C 108 -4.21 -26.17 -22.31
CA SER C 108 -3.66 -25.51 -23.48
C SER C 108 -2.14 -25.70 -23.50
N THR C 117 4.96 -37.50 -18.56
CA THR C 117 4.26 -36.30 -18.08
C THR C 117 5.00 -35.68 -16.89
N GLN C 118 6.16 -35.09 -17.17
CA GLN C 118 6.98 -34.48 -16.11
C GLN C 118 6.85 -32.95 -16.07
N TYR C 119 6.18 -32.38 -17.06
CA TYR C 119 5.99 -30.93 -17.14
C TYR C 119 4.56 -30.51 -16.78
N ARG C 120 3.75 -31.47 -16.34
CA ARG C 120 2.35 -31.21 -16.01
C ARG C 120 2.18 -30.20 -14.87
N SER C 121 1.07 -29.45 -14.91
CA SER C 121 0.73 -28.53 -13.84
C SER C 121 0.22 -29.35 -12.64
N GLY C 122 0.81 -29.09 -11.48
CA GLY C 122 0.47 -29.87 -10.28
C GLY C 122 0.92 -29.25 -8.97
N LEU C 123 0.12 -29.48 -7.93
CA LEU C 123 0.44 -29.01 -6.58
C LEU C 123 0.46 -30.21 -5.63
N PHE C 124 1.57 -30.36 -4.91
CA PHE C 124 1.73 -31.47 -3.96
C PHE C 124 1.69 -30.97 -2.51
N ALA C 125 0.70 -31.44 -1.77
CA ALA C 125 0.41 -30.97 -0.42
C ALA C 125 1.14 -31.77 0.65
N HIS C 126 1.49 -31.10 1.75
CA HIS C 126 2.22 -31.72 2.86
C HIS C 126 1.33 -31.93 4.09
N SER C 127 0.07 -31.50 3.98
CA SER C 127 -0.95 -31.78 4.99
C SER C 127 -2.33 -31.77 4.33
N ASP C 128 -3.32 -32.30 5.05
CA ASP C 128 -4.69 -32.40 4.53
C ASP C 128 -5.41 -31.05 4.55
N ALA C 129 -5.03 -30.19 5.48
CA ALA C 129 -5.53 -28.80 5.52
C ALA C 129 -5.00 -28.01 4.32
N ASP C 130 -3.72 -28.22 3.99
CA ASP C 130 -3.10 -27.64 2.80
C ASP C 130 -3.81 -28.11 1.54
N LEU C 131 -4.09 -29.41 1.47
CA LEU C 131 -4.83 -30.02 0.38
C LEU C 131 -6.16 -29.32 0.14
N LYS C 132 -6.92 -29.11 1.22
CA LYS C 132 -8.21 -28.42 1.17
C LYS C 132 -8.10 -26.97 0.68
N GLU C 133 -7.07 -26.25 1.14
CA GLU C 133 -6.87 -24.85 0.77
C GLU C 133 -6.47 -24.70 -0.71
N LEU C 134 -5.61 -25.60 -1.18
CA LEU C 134 -5.15 -25.57 -2.56
C LEU C 134 -6.30 -25.81 -3.54
N ALA C 135 -7.17 -26.75 -3.20
CA ALA C 135 -8.39 -27.02 -3.98
C ALA C 135 -9.31 -25.81 -4.02
N LYS C 136 -9.42 -25.12 -2.88
CA LYS C 136 -10.20 -23.89 -2.78
C LYS C 136 -9.64 -22.78 -3.67
N ILE C 137 -8.33 -22.56 -3.60
CA ILE C 137 -7.65 -21.55 -4.41
C ILE C 137 -7.78 -21.84 -5.91
N LYS C 138 -7.68 -23.12 -6.27
CA LYS C 138 -7.82 -23.57 -7.66
C LYS C 138 -9.17 -23.12 -8.26
N GLU C 139 -10.24 -23.34 -7.50
CA GLU C 139 -11.60 -22.98 -7.91
C GLU C 139 -11.80 -21.48 -8.02
N GLU C 140 -11.08 -20.71 -7.20
CA GLU C 140 -11.13 -19.26 -7.21
C GLU C 140 -10.51 -18.68 -8.50
N TRP C 141 -9.51 -19.36 -9.03
CA TRP C 141 -8.84 -18.95 -10.25
C TRP C 141 -9.55 -19.40 -11.54
N GLN C 142 -10.54 -20.28 -11.39
CA GLN C 142 -11.29 -20.82 -12.54
C GLN C 142 -11.99 -19.77 -13.41
N PRO C 143 -12.70 -18.79 -12.78
CA PRO C 143 -13.31 -17.74 -13.60
C PRO C 143 -12.26 -16.88 -14.33
N LYS C 144 -11.18 -16.54 -13.63
CA LYS C 144 -10.11 -15.70 -14.16
C LYS C 144 -9.41 -16.32 -15.37
N TRP C 145 -9.06 -17.61 -15.27
CA TRP C 145 -8.41 -18.34 -16.37
C TRP C 145 -9.39 -18.77 -17.46
N GLY C 146 -10.63 -19.03 -17.06
CA GLY C 146 -11.70 -19.39 -18.00
C GLY C 146 -11.59 -20.80 -18.49
N ASN C 147 -10.69 -21.01 -19.46
CA ASN C 147 -10.34 -22.34 -19.93
C ASN C 147 -10.03 -23.25 -18.75
N LYS C 148 -10.59 -24.46 -18.76
CA LYS C 148 -10.53 -25.35 -17.59
C LYS C 148 -9.10 -25.60 -17.10
N ILE C 149 -8.91 -25.44 -15.80
CA ILE C 149 -7.59 -25.60 -15.17
C ILE C 149 -7.28 -27.08 -14.96
N ALA C 150 -6.17 -27.53 -15.54
CA ALA C 150 -5.78 -28.95 -15.53
C ALA C 150 -4.89 -29.33 -14.36
N THR C 151 -4.53 -28.34 -13.53
CA THR C 151 -3.66 -28.55 -12.36
C THR C 151 -4.20 -29.63 -11.43
N VAL C 152 -3.37 -30.64 -11.18
CA VAL C 152 -3.74 -31.76 -10.31
C VAL C 152 -3.29 -31.48 -8.88
N ILE C 153 -4.18 -31.70 -7.91
CA ILE C 153 -3.86 -31.48 -6.50
C ILE C 153 -3.95 -32.79 -5.72
N GLU C 154 -2.83 -33.17 -5.10
CA GLU C 154 -2.72 -34.43 -4.35
C GLU C 154 -1.62 -34.40 -3.28
N PRO C 155 -1.81 -35.17 -2.19
CA PRO C 155 -0.78 -35.30 -1.15
C PRO C 155 0.53 -35.87 -1.71
N ILE C 156 1.66 -35.28 -1.32
CA ILE C 156 2.98 -35.71 -1.81
C ILE C 156 3.33 -37.12 -1.32
N LYS C 157 3.87 -37.93 -2.24
CA LYS C 157 4.24 -39.31 -1.95
C LYS C 157 5.75 -39.47 -1.77
N ASN C 158 6.50 -38.90 -2.71
CA ASN C 158 7.96 -38.92 -2.68
C ASN C 158 8.54 -37.61 -3.20
N PHE C 159 9.69 -37.20 -2.64
CA PHE C 159 10.47 -36.09 -3.19
C PHE C 159 11.95 -36.45 -3.17
N TYR C 160 12.62 -36.11 -4.27
CA TYR C 160 14.07 -36.27 -4.38
C TYR C 160 14.68 -34.98 -4.92
N ASP C 161 15.74 -34.50 -4.25
CA ASP C 161 16.57 -33.42 -4.81
C ASP C 161 17.08 -33.86 -6.18
N ALA C 162 17.17 -32.90 -7.10
CA ALA C 162 17.53 -33.20 -8.50
C ALA C 162 18.81 -34.02 -8.62
N GLU C 163 19.87 -33.57 -7.94
CA GLU C 163 21.15 -34.29 -7.92
C GLU C 163 20.99 -35.71 -7.36
N GLU C 164 20.31 -35.83 -6.21
CA GLU C 164 20.05 -37.11 -5.57
C GLU C 164 19.28 -38.06 -6.48
N TYR C 165 18.35 -37.52 -7.26
CA TYR C 165 17.53 -38.29 -8.18
C TYR C 165 18.33 -38.83 -9.35
N HIS C 166 19.28 -38.04 -9.85
CA HIS C 166 20.12 -38.45 -10.97
C HIS C 166 21.17 -39.49 -10.58
N GLN C 167 21.61 -39.46 -9.33
CA GLN C 167 22.57 -40.45 -8.82
C GLN C 167 21.91 -41.77 -8.42
N LEU C 168 20.63 -41.70 -8.07
CA LEU C 168 19.86 -42.89 -7.71
C LEU C 168 19.52 -43.72 -8.95
N TYR C 169 19.12 -43.05 -10.00
CA TYR C 169 18.75 -43.71 -11.25
C TYR C 169 19.84 -43.54 -12.31
N LEU C 170 21.10 -43.60 -11.88
CA LEU C 170 22.23 -43.51 -12.81
C LEU C 170 22.23 -44.66 -13.82
N ASP C 171 21.76 -45.84 -13.39
CA ASP C 171 21.64 -47.03 -14.24
C ASP C 171 22.93 -47.31 -15.02
N LYS C 172 22.74 -47.54 -16.31
CA LYS C 172 23.82 -47.67 -17.27
C LYS C 172 23.84 -46.38 -18.12
N ASN C 173 23.42 -45.29 -17.49
CA ASN C 173 23.15 -44.03 -18.19
C ASN C 173 23.85 -42.82 -17.56
N PRO C 174 25.14 -42.60 -17.90
CA PRO C 174 25.89 -41.47 -17.35
C PRO C 174 25.74 -40.18 -18.17
N GLN C 175 25.46 -40.30 -19.45
CA GLN C 175 25.33 -39.15 -20.35
C GLN C 175 23.92 -38.56 -20.33
N GLY C 176 23.00 -39.23 -19.65
CA GLY C 176 21.62 -38.77 -19.53
C GLY C 176 20.89 -38.75 -20.86
N TYR C 177 20.86 -39.89 -21.55
CA TYR C 177 20.05 -40.07 -22.75
C TYR C 177 18.57 -40.06 -22.40
N ALA C 178 17.76 -39.49 -23.29
CA ALA C 178 16.31 -39.36 -23.10
C ALA C 178 15.95 -38.59 -21.82
N CYS C 179 16.87 -37.72 -21.40
CA CYS C 179 16.68 -36.85 -20.24
C CYS C 179 16.73 -35.39 -20.67
N PRO C 180 15.58 -34.69 -20.59
CA PRO C 180 15.49 -33.33 -21.11
C PRO C 180 15.83 -32.23 -20.09
N THR C 181 16.09 -32.60 -18.85
CA THR C 181 16.45 -31.63 -17.79
C THR C 181 17.90 -31.17 -17.89
N HIS C 182 18.13 -29.89 -17.56
CA HIS C 182 19.47 -29.31 -17.53
C HIS C 182 20.24 -29.72 -16.29
N TYR C 183 21.41 -30.31 -16.50
CA TYR C 183 22.43 -30.54 -15.45
C TYR C 183 23.77 -30.96 -16.04
N LEU C 184 24.85 -30.64 -15.32
CA LEU C 184 26.21 -30.97 -15.74
C LEU C 184 26.44 -32.49 -15.66
N ARG C 185 26.51 -33.13 -16.82
CA ARG C 185 26.58 -34.58 -16.92
C ARG C 185 28.01 -35.10 -16.97
N GLU C 186 28.28 -36.15 -16.19
CA GLU C 186 29.58 -36.80 -16.16
C GLU C 186 29.89 -37.49 -17.49
N MET C 187 30.66 -36.80 -18.33
CA MET C 187 31.09 -37.34 -19.63
C MET C 187 32.44 -36.78 -20.07
#